data_6HKM
#
_entry.id   6HKM
#
_cell.length_a   92.477
_cell.length_b   92.477
_cell.length_c   108.450
_cell.angle_alpha   90.000
_cell.angle_beta   90.000
_cell.angle_gamma   90.000
#
_symmetry.space_group_name_H-M   'P 41 21 2'
#
loop_
_entity.id
_entity.type
_entity.pdbx_description
1 polymer 'Mitogen-activated protein kinase 7'
2 non-polymer [4-(6,7-dimethoxyquinazolin-4-yl)piperidin-1-yl]-[4-(trifluoromethyloxy)phenyl]methanone
3 water water
#
_entity_poly.entity_id   1
_entity_poly.type   'polypeptide(L)'
_entity_poly.pdbx_seq_one_letter_code
;FDVGDEYEIIETIGNGAYGVVSSARRRLTGQQVAIKKIPNAFDVVTNAKRTLRELKILKHFKHDNIIAIKDILRPTVPYG
EFKSVYVVLDLMESDLHQIIHSSQPLTLEHVRYFLYQLLRGLKYMHSAQVIHRDLKPSNLLVNENCELKIGDFGMARGLC
TSPAEHQYFMTEYVATRWYRAPELMLSLHEYTQAIDLWSVGCIFGEMLARRQLFPGKNYVHQLQLIMMVLGTPSPAVIQA
VGAERVRAYIQSLPPRQPVPWETVYPGADRQALSLLGRMLRFEPSARISAAAALRHPFLAKYHDPDDEPDCAPPFDFAFD
REALTRERIKEAIVAEIEDFHARREGI
;
_entity_poly.pdbx_strand_id   A
#
loop_
_chem_comp.id
_chem_comp.type
_chem_comp.name
_chem_comp.formula
G92 non-polymer [4-(6,7-dimethoxyquinazolin-4-yl)piperidin-1-yl]-[4-(trifluoromethyloxy)phenyl]methanone 'C23 H22 F3 N3 O4'
#
# COMPACT_ATOMS: atom_id res chain seq x y z
N GLU A 6 -10.34 -8.85 -29.78
CA GLU A 6 -10.91 -9.01 -28.40
C GLU A 6 -11.27 -7.69 -27.73
N TYR A 7 -10.31 -6.76 -27.70
CA TYR A 7 -10.47 -5.45 -27.04
C TYR A 7 -10.21 -4.29 -28.00
N GLU A 8 -10.71 -3.10 -27.64
CA GLU A 8 -10.52 -1.87 -28.40
C GLU A 8 -10.14 -0.72 -27.47
N ILE A 9 -8.94 -0.18 -27.65
CA ILE A 9 -8.42 0.94 -26.83
C ILE A 9 -9.21 2.24 -27.08
N ILE A 10 -9.26 3.14 -26.09
CA ILE A 10 -9.89 4.48 -26.26
C ILE A 10 -9.01 5.68 -25.84
N GLU A 11 -8.44 5.65 -24.63
CA GLU A 11 -7.66 6.77 -24.09
C GLU A 11 -6.73 6.33 -22.95
N THR A 12 -5.52 6.90 -22.91
CA THR A 12 -4.52 6.55 -21.89
C THR A 12 -4.74 7.37 -20.62
N ILE A 13 -4.65 6.70 -19.47
CA ILE A 13 -5.06 7.26 -18.18
C ILE A 13 -3.85 7.73 -17.36
N GLY A 14 -3.01 6.77 -16.96
CA GLY A 14 -1.86 7.02 -16.09
C GLY A 14 -0.54 6.66 -16.76
N ASN A 15 0.50 7.44 -16.49
CA ASN A 15 1.82 7.25 -17.10
C ASN A 15 2.92 7.99 -16.33
N VAL A 20 2.13 1.85 -18.49
CA VAL A 20 1.11 2.69 -19.13
C VAL A 20 -0.27 2.04 -19.11
N VAL A 21 -1.24 2.69 -18.47
CA VAL A 21 -2.61 2.17 -18.38
C VAL A 21 -3.49 2.91 -19.36
N SER A 22 -4.36 2.18 -20.06
CA SER A 22 -5.33 2.75 -20.99
C SER A 22 -6.73 2.17 -20.78
N SER A 23 -7.74 3.02 -20.97
CA SER A 23 -9.13 2.61 -20.98
C SER A 23 -9.44 1.87 -22.29
N ALA A 24 -10.36 0.91 -22.24
CA ALA A 24 -10.72 0.08 -23.40
C ALA A 24 -12.06 -0.62 -23.21
N GLN A 31 -18.52 -4.21 -22.90
CA GLN A 31 -18.00 -4.17 -21.53
C GLN A 31 -16.65 -3.45 -21.46
N GLN A 32 -16.60 -2.32 -20.75
CA GLN A 32 -15.36 -1.55 -20.56
C GLN A 32 -14.40 -2.25 -19.59
N VAL A 33 -13.09 -2.08 -19.84
CA VAL A 33 -12.01 -2.59 -18.99
C VAL A 33 -10.84 -1.59 -18.92
N ALA A 34 -9.95 -1.79 -17.95
CA ALA A 34 -8.65 -1.12 -17.92
C ALA A 34 -7.61 -2.12 -18.43
N ILE A 35 -6.70 -1.66 -19.29
CA ILE A 35 -5.60 -2.51 -19.79
C ILE A 35 -4.26 -1.85 -19.45
N LYS A 36 -3.35 -2.64 -18.88
CA LYS A 36 -2.02 -2.18 -18.48
C LYS A 36 -0.98 -2.81 -19.38
N LYS A 37 -0.24 -1.96 -20.10
CA LYS A 37 0.94 -2.40 -20.83
C LYS A 37 2.13 -2.37 -19.88
N ILE A 38 2.82 -3.51 -19.76
CA ILE A 38 4.14 -3.57 -19.12
C ILE A 38 5.14 -3.73 -20.28
N PRO A 39 5.62 -2.61 -20.86
CA PRO A 39 6.49 -2.69 -22.03
C PRO A 39 7.91 -3.11 -21.67
N ASN A 40 8.55 -3.87 -22.56
CA ASN A 40 9.94 -4.30 -22.36
C ASN A 40 10.13 -4.93 -20.98
N ALA A 41 9.20 -5.82 -20.62
CA ALA A 41 9.07 -6.32 -19.26
C ALA A 41 10.28 -7.13 -18.79
N PHE A 42 11.02 -7.70 -19.73
CA PHE A 42 12.13 -8.61 -19.42
C PHE A 42 13.53 -7.98 -19.66
N ASP A 43 13.59 -6.66 -19.90
CA ASP A 43 14.84 -5.97 -20.25
C ASP A 43 15.68 -5.51 -19.05
N VAL A 44 15.07 -5.38 -17.87
CA VAL A 44 15.73 -4.91 -16.66
C VAL A 44 15.36 -5.81 -15.48
N VAL A 45 16.36 -6.24 -14.72
CA VAL A 45 16.18 -7.23 -13.64
C VAL A 45 15.15 -6.75 -12.60
N THR A 46 15.31 -5.52 -12.15
CA THR A 46 14.43 -4.93 -11.15
C THR A 46 12.98 -4.88 -11.62
N ASN A 47 12.75 -4.37 -12.82
CA ASN A 47 11.41 -4.27 -13.37
C ASN A 47 10.76 -5.64 -13.56
N ALA A 48 11.53 -6.61 -14.07
CA ALA A 48 11.05 -7.96 -14.27
C ALA A 48 10.72 -8.68 -12.95
N LYS A 49 11.55 -8.46 -11.93
CA LYS A 49 11.29 -9.02 -10.59
C LYS A 49 10.02 -8.46 -9.96
N ARG A 50 9.80 -7.16 -10.15
CA ARG A 50 8.59 -6.50 -9.66
C ARG A 50 7.33 -7.01 -10.35
N THR A 51 7.41 -7.26 -11.65
CA THR A 51 6.31 -7.82 -12.43
C THR A 51 5.94 -9.25 -11.97
N LEU A 52 6.95 -10.06 -11.65
CA LEU A 52 6.73 -11.41 -11.11
C LEU A 52 6.12 -11.39 -9.71
N ARG A 53 6.52 -10.41 -8.90
CA ARG A 53 5.98 -10.25 -7.53
C ARG A 53 4.51 -9.85 -7.54
N GLU A 54 4.16 -8.93 -8.44
CA GLU A 54 2.81 -8.43 -8.56
C GLU A 54 1.87 -9.53 -9.05
N LEU A 55 2.26 -10.21 -10.13
CA LEU A 55 1.56 -11.40 -10.63
C LEU A 55 1.19 -12.41 -9.55
N LYS A 56 2.19 -12.83 -8.77
CA LYS A 56 2.01 -13.87 -7.77
C LYS A 56 1.18 -13.40 -6.58
N ILE A 57 1.28 -12.11 -6.24
CA ILE A 57 0.52 -11.55 -5.12
C ILE A 57 -0.95 -11.48 -5.51
N LEU A 58 -1.23 -10.88 -6.66
CA LEU A 58 -2.60 -10.71 -7.14
C LEU A 58 -3.33 -12.02 -7.47
N LYS A 59 -2.61 -13.03 -7.93
CA LYS A 59 -3.17 -14.39 -8.08
C LYS A 59 -3.44 -15.11 -6.77
N HIS A 60 -2.67 -14.81 -5.73
CA HIS A 60 -2.83 -15.41 -4.40
C HIS A 60 -4.02 -14.83 -3.63
N PHE A 61 -4.30 -13.55 -3.84
CA PHE A 61 -5.41 -12.87 -3.16
C PHE A 61 -6.74 -12.95 -3.96
N LYS A 62 -7.82 -13.26 -3.25
CA LYS A 62 -9.17 -13.15 -3.80
C LYS A 62 -10.03 -12.45 -2.76
N HIS A 63 -10.24 -11.14 -2.96
CA HIS A 63 -10.88 -10.28 -1.96
C HIS A 63 -11.43 -9.03 -2.65
N ASP A 64 -12.60 -8.59 -2.22
CA ASP A 64 -13.31 -7.48 -2.88
C ASP A 64 -12.63 -6.11 -2.76
N ASN A 65 -11.85 -5.93 -1.71
CA ASN A 65 -11.02 -4.73 -1.50
C ASN A 65 -9.55 -4.84 -1.94
N ILE A 66 -9.23 -5.85 -2.75
CA ILE A 66 -7.93 -5.97 -3.42
C ILE A 66 -8.15 -6.15 -4.92
N ILE A 67 -7.48 -5.31 -5.71
CA ILE A 67 -7.43 -5.37 -7.17
C ILE A 67 -7.24 -6.79 -7.69
N ALA A 68 -7.93 -7.11 -8.78
CA ALA A 68 -7.88 -8.44 -9.37
C ALA A 68 -7.59 -8.34 -10.84
N ILE A 69 -6.81 -9.30 -11.33
CA ILE A 69 -6.53 -9.42 -12.75
C ILE A 69 -7.74 -10.16 -13.34
N LYS A 70 -8.36 -9.58 -14.37
CA LYS A 70 -9.45 -10.22 -15.11
C LYS A 70 -8.89 -11.18 -16.13
N ASP A 71 -7.92 -10.70 -16.92
CA ASP A 71 -7.33 -11.47 -18.00
C ASP A 71 -5.87 -11.02 -18.22
N ILE A 72 -5.05 -11.94 -18.71
CA ILE A 72 -3.69 -11.65 -19.19
C ILE A 72 -3.65 -12.06 -20.65
N LEU A 73 -3.34 -11.13 -21.55
CA LEU A 73 -3.28 -11.45 -22.97
C LEU A 73 -2.07 -12.32 -23.23
N ARG A 74 -2.28 -13.39 -24.00
CA ARG A 74 -1.28 -14.45 -24.18
C ARG A 74 -0.16 -14.00 -25.13
N PRO A 75 0.92 -14.81 -25.24
CA PRO A 75 1.84 -14.62 -26.37
C PRO A 75 1.27 -15.20 -27.67
N VAL A 77 2.82 -14.12 -30.70
CA VAL A 77 4.15 -14.28 -31.33
C VAL A 77 4.96 -15.45 -30.75
N PRO A 78 6.06 -15.84 -31.43
CA PRO A 78 7.05 -16.75 -30.82
C PRO A 78 7.65 -16.22 -29.50
N TYR A 79 8.21 -17.15 -28.71
CA TYR A 79 8.61 -16.87 -27.33
C TYR A 79 9.73 -15.82 -27.22
N GLY A 80 10.73 -15.91 -28.11
CA GLY A 80 11.85 -14.97 -28.13
C GLY A 80 11.46 -13.51 -28.38
N GLU A 81 10.39 -13.29 -29.14
CA GLU A 81 9.88 -11.95 -29.45
C GLU A 81 8.83 -11.44 -28.45
N PHE A 82 8.50 -12.25 -27.44
CA PHE A 82 7.57 -11.85 -26.39
C PHE A 82 8.22 -10.81 -25.48
N LYS A 83 7.92 -9.53 -25.74
CA LYS A 83 8.55 -8.38 -25.06
C LYS A 83 7.65 -7.65 -24.06
N SER A 84 6.36 -7.53 -24.38
CA SER A 84 5.39 -6.77 -23.58
C SER A 84 4.29 -7.64 -22.96
N VAL A 85 3.88 -7.31 -21.74
CA VAL A 85 2.77 -8.01 -21.07
C VAL A 85 1.56 -7.09 -20.96
N TYR A 86 0.43 -7.52 -21.51
CA TYR A 86 -0.83 -6.81 -21.36
C TYR A 86 -1.66 -7.45 -20.23
N VAL A 87 -2.21 -6.62 -19.35
CA VAL A 87 -2.96 -7.09 -18.20
C VAL A 87 -4.29 -6.37 -18.18
N VAL A 88 -5.39 -7.13 -18.19
CA VAL A 88 -6.74 -6.57 -18.17
C VAL A 88 -7.27 -6.56 -16.75
N LEU A 89 -7.83 -5.42 -16.34
CA LEU A 89 -8.54 -5.29 -15.07
C LEU A 89 -9.86 -4.57 -15.32
N ASP A 90 -10.80 -4.69 -14.39
CA ASP A 90 -12.02 -3.88 -14.45
C ASP A 90 -11.67 -2.42 -14.21
N LEU A 91 -12.29 -1.54 -14.96
CA LEU A 91 -12.01 -0.11 -14.90
C LEU A 91 -12.58 0.48 -13.62
N MET A 92 -11.76 1.26 -12.93
CA MET A 92 -12.12 1.96 -11.71
C MET A 92 -12.28 3.44 -12.02
N GLU A 93 -13.48 3.99 -11.81
CA GLU A 93 -13.78 5.42 -12.01
C GLU A 93 -12.62 6.36 -11.63
N SER A 94 -12.18 6.25 -10.39
CA SER A 94 -11.27 7.21 -9.81
C SER A 94 -10.35 6.54 -8.79
N ASP A 95 -9.58 7.35 -8.07
CA ASP A 95 -8.85 6.89 -6.90
C ASP A 95 -9.12 7.86 -5.78
N LEU A 96 -8.72 7.46 -4.58
CA LEU A 96 -8.99 8.25 -3.39
C LEU A 96 -8.28 9.59 -3.34
N HIS A 97 -7.14 9.72 -4.04
CA HIS A 97 -6.46 11.03 -4.16
C HIS A 97 -7.33 12.01 -4.91
N GLN A 98 -7.74 11.62 -6.11
CA GLN A 98 -8.60 12.45 -6.97
C GLN A 98 -9.91 12.83 -6.28
N ILE A 99 -10.45 11.91 -5.47
CA ILE A 99 -11.66 12.15 -4.65
C ILE A 99 -11.40 13.13 -3.49
N ILE A 100 -10.32 12.90 -2.73
CA ILE A 100 -9.96 13.77 -1.61
C ILE A 100 -9.75 15.20 -2.07
N HIS A 101 -8.96 15.39 -3.12
CA HIS A 101 -8.54 16.72 -3.60
C HIS A 101 -9.39 17.20 -4.77
N SER A 102 -10.65 17.47 -4.50
CA SER A 102 -11.63 17.87 -5.53
C SER A 102 -12.90 18.45 -4.93
N SER A 103 -13.78 18.92 -5.81
CA SER A 103 -15.09 19.41 -5.39
C SER A 103 -16.15 18.30 -5.08
N GLN A 104 -15.75 17.03 -5.06
CA GLN A 104 -16.66 15.94 -4.66
C GLN A 104 -17.05 16.06 -3.19
N PRO A 105 -18.20 15.49 -2.81
CA PRO A 105 -18.50 15.32 -1.39
C PRO A 105 -17.54 14.35 -0.68
N LEU A 106 -17.13 14.70 0.53
CA LEU A 106 -16.42 13.77 1.41
C LEU A 106 -16.80 14.09 2.86
N THR A 107 -18.03 13.69 3.21
CA THR A 107 -18.58 13.79 4.57
C THR A 107 -17.88 12.81 5.50
N LEU A 108 -18.18 12.89 6.80
CA LEU A 108 -17.67 11.91 7.78
C LEU A 108 -18.06 10.47 7.41
N GLU A 109 -19.30 10.28 6.95
CA GLU A 109 -19.79 8.94 6.59
C GLU A 109 -19.05 8.34 5.39
N HIS A 110 -18.59 9.19 4.46
CA HIS A 110 -17.71 8.78 3.37
C HIS A 110 -16.41 8.25 3.95
N VAL A 111 -15.81 9.08 4.82
CA VAL A 111 -14.55 8.76 5.50
C VAL A 111 -14.66 7.43 6.24
N ARG A 112 -15.74 7.25 6.97
CA ARG A 112 -16.01 6.02 7.73
C ARG A 112 -16.06 4.79 6.83
N TYR A 113 -16.74 4.90 5.69
CA TYR A 113 -16.91 3.78 4.76
C TYR A 113 -15.60 3.47 4.01
N PHE A 114 -14.91 4.49 3.50
CA PHE A 114 -13.61 4.29 2.86
C PHE A 114 -12.58 3.68 3.81
N LEU A 115 -12.57 4.10 5.08
CA LEU A 115 -11.61 3.54 6.05
C LEU A 115 -11.89 2.07 6.36
N TYR A 116 -13.16 1.72 6.51
CA TYR A 116 -13.58 0.34 6.72
C TYR A 116 -13.02 -0.61 5.67
N GLN A 117 -13.20 -0.23 4.40
CA GLN A 117 -12.82 -1.06 3.25
C GLN A 117 -11.31 -1.25 3.09
N LEU A 118 -10.56 -0.17 3.31
CA LEU A 118 -9.09 -0.24 3.36
C LEU A 118 -8.66 -1.25 4.42
N LEU A 119 -9.15 -1.04 5.64
CA LEU A 119 -8.84 -1.91 6.77
C LEU A 119 -9.30 -3.36 6.57
N ARG A 120 -10.41 -3.55 5.86
CA ARG A 120 -10.91 -4.89 5.53
C ARG A 120 -9.93 -5.59 4.59
N GLY A 121 -9.48 -4.86 3.57
CA GLY A 121 -8.43 -5.34 2.68
C GLY A 121 -7.11 -5.63 3.36
N LEU A 122 -6.73 -4.79 4.33
CA LEU A 122 -5.49 -5.01 5.10
C LEU A 122 -5.51 -6.21 6.05
N LYS A 123 -6.63 -6.43 6.74
CA LYS A 123 -6.75 -7.63 7.60
C LYS A 123 -6.44 -8.91 6.81
N TYR A 124 -7.01 -9.00 5.62
CA TYR A 124 -6.84 -10.15 4.73
C TYR A 124 -5.37 -10.23 4.29
N MET A 125 -4.88 -9.12 3.75
CA MET A 125 -3.48 -8.97 3.32
C MET A 125 -2.46 -9.27 4.43
N HIS A 126 -2.62 -8.63 5.58
CA HIS A 126 -1.74 -8.86 6.75
C HIS A 126 -1.78 -10.26 7.33
N SER A 127 -2.91 -10.95 7.19
CA SER A 127 -3.01 -12.33 7.69
C SER A 127 -2.19 -13.30 6.84
N ALA A 128 -1.92 -12.93 5.58
CA ALA A 128 -1.07 -13.72 4.69
C ALA A 128 0.44 -13.35 4.75
N GLN A 129 0.82 -12.56 5.77
CA GLN A 129 2.21 -12.15 6.02
C GLN A 129 2.74 -11.25 4.91
N VAL A 130 1.86 -10.39 4.37
CA VAL A 130 2.22 -9.46 3.30
C VAL A 130 2.04 -8.02 3.78
N ILE A 131 3.11 -7.22 3.66
CA ILE A 131 3.10 -5.81 4.05
C ILE A 131 3.12 -5.00 2.75
N HIS A 132 2.16 -4.10 2.58
CA HIS A 132 2.04 -3.32 1.32
C HIS A 132 3.19 -2.33 1.18
N ARG A 133 3.43 -1.55 2.24
CA ARG A 133 4.57 -0.60 2.35
C ARG A 133 4.48 0.63 1.47
N ASP A 134 3.35 0.86 0.81
CA ASP A 134 3.21 1.95 -0.17
C ASP A 134 1.77 2.47 -0.28
N LEU A 135 1.01 2.40 0.81
CA LEU A 135 -0.37 2.84 0.82
C LEU A 135 -0.41 4.37 0.76
N LYS A 136 -1.06 4.88 -0.26
CA LYS A 136 -1.41 6.29 -0.37
C LYS A 136 -2.74 6.38 -1.12
N PRO A 137 -3.46 7.51 -0.98
CA PRO A 137 -4.73 7.67 -1.68
C PRO A 137 -4.70 7.30 -3.18
N SER A 138 -3.62 7.67 -3.87
CA SER A 138 -3.47 7.37 -5.31
C SER A 138 -3.40 5.87 -5.66
N ASN A 139 -3.02 5.04 -4.70
CA ASN A 139 -3.03 3.57 -4.85
C ASN A 139 -4.31 2.91 -4.33
N LEU A 140 -5.26 3.71 -3.83
CA LEU A 140 -6.59 3.23 -3.44
C LEU A 140 -7.62 3.62 -4.48
N LEU A 141 -7.99 2.66 -5.32
CA LEU A 141 -8.91 2.88 -6.42
C LEU A 141 -10.34 2.78 -5.91
N VAL A 142 -11.25 3.53 -6.54
CA VAL A 142 -12.68 3.54 -6.17
C VAL A 142 -13.48 3.54 -7.47
N ASN A 143 -14.36 2.55 -7.63
CA ASN A 143 -15.19 2.48 -8.82
C ASN A 143 -16.48 3.32 -8.68
N GLU A 144 -17.32 3.30 -9.73
CA GLU A 144 -18.61 4.00 -9.76
C GLU A 144 -19.56 3.65 -8.60
N ASN A 145 -19.48 2.42 -8.08
CA ASN A 145 -20.32 1.94 -6.99
C ASN A 145 -19.67 1.92 -5.59
N CYS A 146 -18.59 2.70 -5.41
CA CYS A 146 -17.96 2.94 -4.12
C CYS A 146 -17.23 1.76 -3.50
N GLU A 147 -16.81 0.79 -4.31
CA GLU A 147 -15.91 -0.27 -3.83
C GLU A 147 -14.49 0.27 -3.91
N LEU A 148 -13.77 0.27 -2.80
CA LEU A 148 -12.34 0.68 -2.74
C LEU A 148 -11.42 -0.53 -2.87
N LYS A 149 -10.40 -0.45 -3.72
CA LYS A 149 -9.48 -1.56 -3.95
C LYS A 149 -8.04 -1.14 -3.82
N ILE A 150 -7.27 -1.91 -3.06
CA ILE A 150 -5.84 -1.69 -2.87
C ILE A 150 -5.15 -2.23 -4.13
N GLY A 151 -4.35 -1.37 -4.77
CA GLY A 151 -3.54 -1.75 -5.92
C GLY A 151 -2.07 -1.45 -5.73
N ASP A 152 -1.30 -1.62 -6.79
CA ASP A 152 0.12 -1.28 -6.86
C ASP A 152 0.95 -1.98 -5.77
N PHE A 153 1.24 -3.25 -5.98
CA PHE A 153 1.91 -4.10 -4.98
C PHE A 153 3.41 -4.29 -5.24
N GLY A 154 4.02 -3.46 -6.09
CA GLY A 154 5.45 -3.59 -6.44
C GLY A 154 6.43 -3.40 -5.29
N MET A 155 6.00 -2.68 -4.25
CA MET A 155 6.81 -2.42 -3.05
C MET A 155 6.59 -3.45 -1.94
N ALA A 156 5.52 -4.25 -2.03
CA ALA A 156 5.16 -5.19 -0.97
C ALA A 156 6.25 -6.22 -0.69
N ARG A 157 6.36 -6.61 0.57
CA ARG A 157 7.34 -7.60 1.05
C ARG A 157 6.75 -8.37 2.21
N GLY A 158 7.41 -9.44 2.59
CA GLY A 158 7.07 -10.23 3.78
C GLY A 158 7.77 -9.74 5.03
N LEU A 159 7.79 -10.60 6.06
CA LEU A 159 8.47 -10.32 7.32
C LEU A 159 9.97 -10.61 7.23
N CYS A 160 10.34 -11.59 6.40
CA CYS A 160 11.74 -11.89 6.08
C CYS A 160 12.14 -11.24 4.74
N THR A 161 13.36 -10.70 4.69
CA THR A 161 13.91 -10.06 3.49
C THR A 161 15.36 -10.49 3.27
N SER A 162 15.83 -10.43 2.02
CA SER A 162 17.20 -10.83 1.66
C SER A 162 18.19 -9.65 1.71
N GLU A 165 19.18 -7.31 -1.82
CA GLU A 165 18.54 -6.03 -2.16
C GLU A 165 19.25 -4.86 -1.49
N HIS A 166 19.33 -3.73 -2.19
CA HIS A 166 19.77 -2.47 -1.59
C HIS A 166 18.79 -1.98 -0.53
N GLN A 167 17.51 -2.29 -0.72
CA GLN A 167 16.42 -1.93 0.20
C GLN A 167 16.47 -2.66 1.58
N TYR A 168 17.30 -3.69 1.73
CA TYR A 168 17.57 -4.29 3.06
C TYR A 168 18.12 -3.22 4.01
N PHE A 169 19.13 -2.50 3.53
CA PHE A 169 19.60 -1.25 4.15
C PHE A 169 18.77 -0.15 3.48
N MET A 170 19.08 1.13 3.71
CA MET A 170 18.39 2.22 3.01
C MET A 170 16.86 2.10 3.08
N THR A 171 16.34 1.81 4.28
CA THR A 171 14.90 1.71 4.50
C THR A 171 14.18 3.05 4.35
N GLU A 172 14.92 4.15 4.54
CA GLU A 172 14.36 5.49 4.32
C GLU A 172 14.04 5.83 2.85
N TYR A 173 14.46 4.99 1.90
CA TYR A 173 14.00 5.09 0.50
C TYR A 173 12.88 4.09 0.11
N VAL A 174 12.29 3.40 1.09
CA VAL A 174 11.18 2.49 0.82
C VAL A 174 9.94 3.34 0.65
N ALA A 175 9.37 3.32 -0.56
CA ALA A 175 8.06 3.88 -0.86
C ALA A 175 8.04 5.43 -0.85
N THR A 176 6.92 6.03 -0.40
CA THR A 176 6.66 7.46 -0.64
C THR A 176 6.81 8.25 0.68
N ARG A 177 7.50 9.38 0.61
CA ARG A 177 7.98 10.10 1.79
C ARG A 177 6.88 10.59 2.74
N TRP A 178 5.80 11.13 2.18
CA TRP A 178 4.71 11.67 3.02
C TRP A 178 3.93 10.61 3.81
N TYR A 179 4.07 9.33 3.46
CA TYR A 179 3.33 8.24 4.08
C TYR A 179 4.22 7.18 4.73
N ARG A 180 5.54 7.44 4.78
CA ARG A 180 6.51 6.45 5.24
C ARG A 180 6.56 6.43 6.79
N ALA A 181 6.51 5.22 7.35
CA ALA A 181 6.51 5.04 8.80
C ALA A 181 7.88 5.38 9.40
N PRO A 182 7.92 5.91 10.64
CA PRO A 182 9.18 6.26 11.30
C PRO A 182 10.24 5.16 11.34
N GLU A 183 9.83 3.90 11.50
CA GLU A 183 10.78 2.77 11.52
C GLU A 183 11.61 2.68 10.24
N LEU A 184 11.01 3.00 9.10
CA LEU A 184 11.72 3.00 7.82
C LEU A 184 12.63 4.22 7.70
N MET A 185 12.07 5.40 7.99
CA MET A 185 12.83 6.66 8.03
C MET A 185 14.10 6.53 8.89
N LEU A 186 13.90 6.06 10.12
CA LEU A 186 14.94 6.00 11.15
C LEU A 186 15.70 4.66 11.22
N SER A 187 15.23 3.65 10.48
CA SER A 187 15.86 2.33 10.44
C SER A 187 15.88 1.64 11.83
N LEU A 188 14.71 1.48 12.43
CA LEU A 188 14.57 0.93 13.79
C LEU A 188 14.60 -0.61 13.89
N HIS A 189 14.92 -1.30 12.79
CA HIS A 189 15.11 -2.76 12.76
C HIS A 189 13.93 -3.57 13.31
N GLU A 190 12.72 -3.06 13.08
CA GLU A 190 11.47 -3.73 13.45
C GLU A 190 10.46 -3.39 12.37
N TYR A 191 10.44 -4.23 11.33
CA TYR A 191 9.68 -3.96 10.11
C TYR A 191 8.55 -4.96 9.94
N THR A 192 7.34 -4.55 10.34
CA THR A 192 6.15 -5.41 10.41
C THR A 192 4.96 -4.77 9.69
N GLN A 193 3.86 -5.50 9.65
CA GLN A 193 2.57 -5.01 9.14
C GLN A 193 2.13 -3.65 9.73
N ALA A 194 2.64 -3.31 10.92
CA ALA A 194 2.50 -1.97 11.52
C ALA A 194 2.92 -0.81 10.63
N ILE A 195 3.84 -1.05 9.69
CA ILE A 195 4.18 -0.09 8.63
C ILE A 195 2.94 0.47 7.91
N ASP A 196 2.02 -0.42 7.54
CA ASP A 196 0.82 -0.04 6.80
C ASP A 196 -0.18 0.78 7.64
N LEU A 197 -0.25 0.48 8.93
CA LEU A 197 -1.14 1.22 9.83
C LEU A 197 -0.70 2.68 10.02
N TRP A 198 0.59 2.97 9.96
CA TRP A 198 1.06 4.37 9.90
C TRP A 198 0.46 5.05 8.68
N SER A 199 0.72 4.47 7.50
CA SER A 199 0.17 4.96 6.22
C SER A 199 -1.35 5.16 6.26
N VAL A 200 -2.07 4.19 6.85
CA VAL A 200 -3.52 4.31 7.03
C VAL A 200 -3.85 5.56 7.86
N GLY A 201 -3.10 5.76 8.94
CA GLY A 201 -3.24 6.94 9.79
C GLY A 201 -3.16 8.24 8.99
N CYS A 202 -2.09 8.39 8.23
CA CYS A 202 -1.93 9.50 7.29
C CYS A 202 -3.10 9.63 6.29
N ILE A 203 -3.50 8.51 5.70
CA ILE A 203 -4.65 8.50 4.76
C ILE A 203 -5.93 8.96 5.47
N PHE A 204 -6.17 8.39 6.66
CA PHE A 204 -7.33 8.72 7.50
C PHE A 204 -7.34 10.20 7.85
N GLY A 205 -6.20 10.72 8.31
CA GLY A 205 -6.05 12.14 8.61
C GLY A 205 -6.27 13.02 7.40
N GLU A 206 -5.74 12.59 6.26
CA GLU A 206 -5.90 13.33 5.01
C GLU A 206 -7.35 13.41 4.53
N MET A 207 -8.15 12.37 4.77
CA MET A 207 -9.57 12.38 4.43
C MET A 207 -10.35 13.37 5.29
N LEU A 208 -10.07 13.35 6.60
CA LEU A 208 -10.72 14.25 7.56
C LEU A 208 -10.52 15.75 7.26
N ALA A 209 -9.32 16.13 6.78
CA ALA A 209 -9.01 17.53 6.46
C ALA A 209 -8.91 17.88 4.97
N ARG A 210 -8.93 16.87 4.09
CA ARG A 210 -8.75 17.09 2.65
C ARG A 210 -7.41 17.77 2.32
N ARG A 211 -6.37 17.44 3.10
CA ARG A 211 -5.01 17.93 2.85
C ARG A 211 -4.03 17.02 3.56
N GLN A 212 -2.83 16.92 3.00
CA GLN A 212 -1.85 15.97 3.49
C GLN A 212 -1.42 16.38 4.90
N LEU A 213 -1.27 15.39 5.78
CA LEU A 213 -0.96 15.61 7.19
C LEU A 213 0.49 16.03 7.39
N PHE A 214 1.41 15.30 6.75
CA PHE A 214 2.85 15.50 6.88
C PHE A 214 3.50 15.67 5.50
N PRO A 215 3.24 16.80 4.81
CA PRO A 215 3.87 17.06 3.51
C PRO A 215 5.34 17.52 3.61
N GLY A 216 6.26 16.60 3.91
CA GLY A 216 7.69 16.92 3.99
C GLY A 216 8.36 17.19 2.66
N LYS A 217 9.27 18.16 2.64
CA LYS A 217 10.03 18.59 1.44
C LYS A 217 11.26 17.71 1.22
N ASN A 218 11.84 17.24 2.32
CA ASN A 218 13.05 16.39 2.31
C ASN A 218 13.08 15.54 3.59
N TYR A 219 14.08 14.67 3.73
CA TYR A 219 14.21 13.80 4.91
C TYR A 219 14.08 14.55 6.24
N VAL A 220 14.86 15.63 6.39
CA VAL A 220 14.90 16.40 7.64
C VAL A 220 13.55 17.07 7.95
N HIS A 221 12.95 17.73 6.95
CA HIS A 221 11.63 18.38 7.14
C HIS A 221 10.51 17.39 7.45
N GLN A 222 10.61 16.16 6.91
CA GLN A 222 9.63 15.11 7.19
C GLN A 222 9.65 14.68 8.67
N LEU A 223 10.84 14.60 9.27
CA LEU A 223 10.99 14.34 10.71
C LEU A 223 10.47 15.51 11.54
N GLN A 224 10.72 16.75 11.10
CA GLN A 224 10.20 17.95 11.77
C GLN A 224 8.70 17.87 11.91
N LEU A 225 8.03 17.73 10.77
CA LEU A 225 6.58 17.80 10.70
C LEU A 225 5.90 16.72 11.52
N ILE A 226 6.52 15.53 11.60
CA ILE A 226 6.02 14.45 12.48
C ILE A 226 6.21 14.82 13.96
N MET A 227 7.37 15.39 14.28
CA MET A 227 7.66 15.85 15.65
C MET A 227 6.78 17.00 16.11
N MET A 228 6.48 17.93 15.20
CA MET A 228 5.58 19.05 15.51
C MET A 228 4.15 18.62 15.90
N VAL A 229 3.75 17.38 15.59
CA VAL A 229 2.49 16.80 16.10
C VAL A 229 2.73 15.78 17.22
N LEU A 230 3.57 14.76 16.96
CA LEU A 230 3.79 13.67 17.94
C LEU A 230 4.76 14.02 19.08
N GLY A 231 5.44 15.16 18.97
CA GLY A 231 6.43 15.57 19.97
C GLY A 231 7.75 14.85 19.77
N THR A 232 8.64 15.02 20.74
CA THR A 232 9.94 14.35 20.76
C THR A 232 9.73 12.84 20.89
N PRO A 233 10.48 12.02 20.14
CA PRO A 233 10.41 10.58 20.36
C PRO A 233 11.14 10.18 21.63
N SER A 234 10.81 8.99 22.14
CA SER A 234 11.38 8.49 23.38
C SER A 234 12.89 8.18 23.23
N PRO A 235 13.63 8.16 24.36
CA PRO A 235 15.05 7.75 24.34
C PRO A 235 15.33 6.33 23.80
N ALA A 236 14.45 5.38 24.09
CA ALA A 236 14.58 4.00 23.59
C ALA A 236 14.44 3.90 22.06
N VAL A 237 13.58 4.74 21.49
CA VAL A 237 13.47 4.88 20.02
C VAL A 237 14.73 5.56 19.46
N ILE A 238 15.20 6.62 20.12
CA ILE A 238 16.39 7.37 19.69
C ILE A 238 17.66 6.51 19.69
N GLN A 239 17.81 5.64 20.68
CA GLN A 239 18.97 4.72 20.76
C GLN A 239 18.98 3.66 19.64
N ALA A 240 17.78 3.28 19.16
CA ALA A 240 17.60 2.33 18.07
C ALA A 240 17.77 2.93 16.66
N VAL A 241 18.05 4.23 16.58
CA VAL A 241 18.46 4.87 15.34
C VAL A 241 19.95 4.55 15.14
N GLY A 242 20.26 3.78 14.09
CA GLY A 242 21.63 3.32 13.82
C GLY A 242 22.55 4.43 13.31
N ALA A 243 22.05 5.19 12.35
CA ALA A 243 22.82 6.29 11.74
C ALA A 243 22.95 7.46 12.71
N GLU A 244 24.15 7.63 13.27
CA GLU A 244 24.40 8.60 14.35
C GLU A 244 24.06 10.04 14.00
N ARG A 245 24.26 10.41 12.74
CA ARG A 245 23.98 11.77 12.29
C ARG A 245 22.52 12.20 12.46
N VAL A 246 21.58 11.26 12.32
CA VAL A 246 20.15 11.52 12.56
C VAL A 246 19.85 11.71 14.06
N ARG A 247 20.43 10.87 14.92
CA ARG A 247 20.32 11.03 16.39
C ARG A 247 20.69 12.43 16.88
N ALA A 248 21.81 12.95 16.36
CA ALA A 248 22.30 14.29 16.74
C ALA A 248 21.31 15.40 16.41
N TYR A 249 20.64 15.29 15.27
CA TYR A 249 19.61 16.28 14.90
C TYR A 249 18.42 16.25 15.87
N ILE A 250 17.98 15.05 16.25
CA ILE A 250 16.81 14.89 17.13
C ILE A 250 17.11 15.48 18.52
N GLN A 251 18.28 15.14 19.06
CA GLN A 251 18.74 15.66 20.36
C GLN A 251 18.98 17.18 20.40
N SER A 252 19.24 17.80 19.24
CA SER A 252 19.48 19.25 19.17
C SER A 252 18.21 20.10 19.35
N LEU A 253 17.05 19.53 19.00
CA LEU A 253 15.76 20.22 19.17
C LEU A 253 15.36 20.24 20.65
N PRO A 254 14.62 21.29 21.08
CA PRO A 254 14.13 21.33 22.46
C PRO A 254 13.00 20.32 22.69
N GLN A 257 6.16 18.06 23.84
CA GLN A 257 5.09 17.11 24.13
C GLN A 257 4.19 16.93 22.90
N PRO A 258 3.36 15.86 22.88
CA PRO A 258 2.42 15.72 21.75
C PRO A 258 1.37 16.82 21.67
N VAL A 259 0.99 17.18 20.45
CA VAL A 259 -0.14 18.06 20.19
C VAL A 259 -1.35 17.13 20.15
N PRO A 260 -2.37 17.42 20.96
CA PRO A 260 -3.60 16.64 20.94
C PRO A 260 -4.28 16.69 19.56
N TRP A 261 -4.75 15.54 19.09
CA TRP A 261 -5.40 15.45 17.76
C TRP A 261 -6.62 16.38 17.62
N GLU A 262 -7.28 16.67 18.74
CA GLU A 262 -8.38 17.65 18.80
C GLU A 262 -7.99 19.03 18.23
N THR A 263 -6.81 19.53 18.59
CA THR A 263 -6.32 20.84 18.07
C THR A 263 -5.64 20.75 16.69
N VAL A 264 -5.29 19.54 16.24
CA VAL A 264 -4.82 19.31 14.85
C VAL A 264 -6.01 19.34 13.88
N TYR A 265 -7.11 18.68 14.26
CA TYR A 265 -8.34 18.64 13.47
C TYR A 265 -9.50 19.21 14.31
N PRO A 266 -9.71 20.55 14.28
CA PRO A 266 -10.64 21.22 15.21
C PRO A 266 -12.10 20.76 15.16
N GLY A 267 -12.68 20.73 13.97
CA GLY A 267 -14.09 20.35 13.78
C GLY A 267 -14.37 18.86 13.62
N ALA A 268 -13.34 18.01 13.76
CA ALA A 268 -13.45 16.59 13.48
C ALA A 268 -14.25 15.82 14.53
N ASP A 269 -14.64 14.61 14.14
CA ASP A 269 -15.42 13.71 15.01
C ASP A 269 -14.54 13.15 16.12
N ARG A 270 -15.16 12.83 17.26
CA ARG A 270 -14.44 12.30 18.43
C ARG A 270 -13.99 10.85 18.26
N GLN A 271 -14.87 10.01 17.70
CA GLN A 271 -14.57 8.58 17.52
C GLN A 271 -13.44 8.37 16.52
N ALA A 272 -13.40 9.23 15.49
CA ALA A 272 -12.35 9.20 14.47
C ALA A 272 -10.95 9.50 15.02
N LEU A 273 -10.83 10.55 15.84
CA LEU A 273 -9.51 10.93 16.38
C LEU A 273 -8.98 9.88 17.37
N SER A 274 -9.86 9.29 18.17
CA SER A 274 -9.51 8.12 18.99
C SER A 274 -8.83 7.03 18.16
N LEU A 275 -9.47 6.61 17.07
CA LEU A 275 -8.91 5.59 16.20
C LEU A 275 -7.60 6.06 15.54
N LEU A 276 -7.59 7.31 15.08
CA LEU A 276 -6.42 7.91 14.43
C LEU A 276 -5.22 7.89 15.36
N GLY A 277 -5.44 8.32 16.60
CA GLY A 277 -4.41 8.31 17.65
C GLY A 277 -3.76 6.97 17.94
N ARG A 278 -4.50 5.89 17.76
CA ARG A 278 -3.96 4.52 17.91
C ARG A 278 -3.16 4.01 16.71
N MET A 279 -3.16 4.76 15.61
CA MET A 279 -2.39 4.44 14.40
C MET A 279 -1.09 5.21 14.33
N LEU A 280 -1.15 6.53 14.57
CA LEU A 280 0.02 7.41 14.46
C LEU A 280 0.85 7.46 15.75
N ARG A 281 1.59 6.39 15.98
CA ARG A 281 2.52 6.28 17.08
C ARG A 281 3.90 5.87 16.55
N PHE A 282 4.95 6.49 17.11
CA PHE A 282 6.34 6.20 16.74
C PHE A 282 6.70 4.71 16.78
N GLU A 283 6.26 4.03 17.84
CA GLU A 283 6.63 2.65 18.08
C GLU A 283 5.70 1.73 17.28
N PRO A 284 6.26 0.86 16.40
CA PRO A 284 5.44 -0.10 15.65
C PRO A 284 4.52 -0.98 16.50
N SER A 285 5.05 -1.48 17.63
CA SER A 285 4.30 -2.34 18.57
C SER A 285 3.17 -1.63 19.34
N ALA A 286 3.24 -0.30 19.42
CA ALA A 286 2.19 0.50 20.04
C ALA A 286 0.97 0.72 19.12
N ARG A 287 1.12 0.46 17.82
CA ARG A 287 0.04 0.67 16.85
C ARG A 287 -1.00 -0.44 16.92
N ILE A 288 -2.27 -0.04 16.86
CA ILE A 288 -3.39 -0.96 16.63
C ILE A 288 -3.22 -1.72 15.32
N SER A 289 -3.72 -2.95 15.26
CA SER A 289 -3.67 -3.76 14.05
C SER A 289 -4.87 -3.41 13.15
N ALA A 290 -4.85 -3.95 11.93
CA ALA A 290 -6.01 -3.83 11.04
C ALA A 290 -7.21 -4.56 11.63
N ALA A 291 -7.00 -5.78 12.13
CA ALA A 291 -8.09 -6.56 12.74
C ALA A 291 -8.71 -5.82 13.91
N ALA A 292 -7.87 -5.25 14.78
CA ALA A 292 -8.35 -4.53 15.97
C ALA A 292 -8.98 -3.18 15.63
N ALA A 293 -8.43 -2.48 14.64
CA ALA A 293 -9.06 -1.28 14.10
C ALA A 293 -10.51 -1.51 13.65
N LEU A 294 -10.78 -2.67 13.04
CA LEU A 294 -12.14 -3.02 12.59
C LEU A 294 -13.13 -3.24 13.73
N ARG A 295 -12.62 -3.48 14.94
CA ARG A 295 -13.44 -3.56 16.17
C ARG A 295 -13.67 -2.22 16.86
N HIS A 296 -13.12 -1.14 16.33
CA HIS A 296 -13.19 0.17 16.99
C HIS A 296 -14.61 0.73 16.85
N PRO A 297 -15.12 1.46 17.87
CA PRO A 297 -16.49 2.01 17.79
C PRO A 297 -16.82 2.91 16.58
N PHE A 298 -15.80 3.58 16.04
CA PHE A 298 -15.92 4.40 14.82
C PHE A 298 -16.37 3.61 13.58
N LEU A 299 -15.99 2.33 13.50
CA LEU A 299 -16.38 1.43 12.41
C LEU A 299 -17.44 0.38 12.81
N ALA A 300 -18.15 0.58 13.92
CA ALA A 300 -19.19 -0.35 14.37
C ALA A 300 -20.31 -0.54 13.33
N LYS A 301 -20.65 0.57 12.66
CA LYS A 301 -21.62 0.62 11.55
C LYS A 301 -21.45 -0.48 10.49
N TYR A 302 -20.22 -0.73 10.07
CA TYR A 302 -19.92 -1.68 8.98
C TYR A 302 -19.31 -3.00 9.44
N HIS A 303 -18.91 -3.09 10.70
CA HIS A 303 -18.09 -4.20 11.15
C HIS A 303 -18.91 -5.47 11.28
N ASP A 304 -18.50 -6.50 10.54
CA ASP A 304 -19.07 -7.83 10.62
C ASP A 304 -17.92 -8.85 10.51
N PRO A 305 -17.53 -9.50 11.63
CA PRO A 305 -16.44 -10.50 11.61
C PRO A 305 -16.65 -11.66 10.63
N ASP A 306 -17.90 -12.09 10.47
CA ASP A 306 -18.27 -13.16 9.54
C ASP A 306 -18.04 -12.80 8.06
N ASP A 307 -18.03 -11.51 7.74
CA ASP A 307 -17.80 -11.00 6.38
C ASP A 307 -16.41 -10.36 6.17
N GLU A 308 -15.48 -10.57 7.10
CA GLU A 308 -14.15 -9.94 7.06
C GLU A 308 -13.06 -11.01 7.15
N PRO A 309 -12.83 -11.75 6.05
CA PRO A 309 -12.02 -12.95 6.12
C PRO A 309 -10.53 -12.71 6.33
N ASP A 310 -9.86 -13.70 6.91
CA ASP A 310 -8.40 -13.82 6.84
C ASP A 310 -8.04 -14.44 5.48
N CYS A 311 -6.75 -14.51 5.19
CA CYS A 311 -6.23 -15.16 3.99
C CYS A 311 -5.37 -16.33 4.41
N ALA A 312 -5.75 -17.53 3.96
CA ALA A 312 -4.97 -18.74 4.16
C ALA A 312 -4.85 -19.47 2.81
N PRO A 313 -3.68 -20.05 2.50
CA PRO A 313 -2.40 -20.05 3.24
C PRO A 313 -1.67 -18.71 3.12
N PRO A 314 -0.58 -18.52 3.89
CA PRO A 314 0.18 -17.28 3.76
C PRO A 314 1.03 -17.20 2.48
N PHE A 315 1.39 -15.98 2.09
CA PHE A 315 2.22 -15.75 0.90
C PHE A 315 3.71 -15.95 1.23
N ASP A 316 4.39 -16.75 0.40
CA ASP A 316 5.83 -16.97 0.50
C ASP A 316 6.59 -16.12 -0.52
N PHE A 317 7.48 -15.26 -0.02
CA PHE A 317 8.35 -14.40 -0.84
C PHE A 317 9.72 -15.02 -1.17
N ALA A 318 9.88 -16.32 -0.96
CA ALA A 318 11.16 -17.03 -1.24
C ALA A 318 11.67 -16.82 -2.66
N PHE A 319 10.77 -16.93 -3.63
CA PHE A 319 11.07 -16.70 -5.06
C PHE A 319 11.76 -15.36 -5.36
N ASP A 320 11.40 -14.34 -4.60
CA ASP A 320 11.96 -13.00 -4.79
C ASP A 320 13.42 -12.88 -4.35
N ARG A 321 13.80 -13.65 -3.34
CA ARG A 321 15.19 -13.61 -2.81
C ARG A 321 16.20 -14.29 -3.74
N GLU A 322 15.74 -15.24 -4.56
CA GLU A 322 16.57 -15.88 -5.59
C GLU A 322 17.18 -14.83 -6.53
N ALA A 323 18.46 -14.98 -6.83
CA ALA A 323 19.15 -14.13 -7.79
C ALA A 323 19.01 -14.78 -9.16
N LEU A 324 18.02 -14.32 -9.93
CA LEU A 324 17.72 -14.86 -11.25
C LEU A 324 18.17 -13.90 -12.35
N THR A 325 18.61 -14.47 -13.47
CA THR A 325 18.88 -13.69 -14.66
C THR A 325 17.53 -13.28 -15.26
N ARG A 326 17.58 -12.29 -16.14
CA ARG A 326 16.37 -11.74 -16.75
C ARG A 326 15.56 -12.81 -17.49
N GLU A 327 16.29 -13.75 -18.11
CA GLU A 327 15.69 -14.82 -18.90
C GLU A 327 14.98 -15.88 -18.05
N ARG A 328 15.54 -16.20 -16.90
CA ARG A 328 14.87 -17.09 -15.92
C ARG A 328 13.62 -16.46 -15.33
N ILE A 329 13.67 -15.16 -15.02
CA ILE A 329 12.50 -14.42 -14.51
C ILE A 329 11.44 -14.38 -15.60
N LYS A 330 11.85 -14.08 -16.84
CA LYS A 330 10.95 -14.15 -17.99
C LYS A 330 10.21 -15.47 -18.05
N GLU A 331 10.94 -16.59 -17.93
CA GLU A 331 10.33 -17.93 -17.88
C GLU A 331 9.36 -18.09 -16.73
N ALA A 332 9.73 -17.56 -15.56
CA ALA A 332 8.87 -17.58 -14.39
C ALA A 332 7.56 -16.82 -14.63
N ILE A 333 7.65 -15.64 -15.21
CA ILE A 333 6.49 -14.80 -15.52
C ILE A 333 5.56 -15.49 -16.51
N VAL A 334 6.13 -16.08 -17.55
CA VAL A 334 5.37 -16.80 -18.57
C VAL A 334 4.65 -18.02 -17.98
N ALA A 335 5.25 -18.67 -16.97
CA ALA A 335 4.63 -19.80 -16.27
C ALA A 335 3.44 -19.35 -15.42
N GLU A 336 3.53 -18.17 -14.83
CA GLU A 336 2.41 -17.58 -14.10
C GLU A 336 1.27 -17.19 -15.04
N ILE A 337 1.58 -16.76 -16.25
CA ILE A 337 0.54 -16.51 -17.25
C ILE A 337 -0.14 -17.82 -17.69
N GLU A 338 0.67 -18.85 -17.97
CA GLU A 338 0.14 -20.18 -18.33
C GLU A 338 -0.76 -20.74 -17.23
N ASP A 339 -0.27 -20.70 -16.00
CA ASP A 339 -1.02 -21.17 -14.82
C ASP A 339 -2.32 -20.37 -14.60
N PHE A 340 -2.29 -19.07 -14.87
CA PHE A 340 -3.48 -18.22 -14.77
C PHE A 340 -4.60 -18.72 -15.68
N HIS A 341 -4.23 -19.06 -16.92
CA HIS A 341 -5.21 -19.53 -17.91
C HIS A 341 -5.68 -20.95 -17.65
N ALA A 342 -4.74 -21.83 -17.28
CA ALA A 342 -5.05 -23.22 -16.95
C ALA A 342 -6.05 -23.37 -15.80
N ARG A 343 -5.94 -22.51 -14.78
CA ARG A 343 -6.85 -22.54 -13.63
C ARG A 343 -8.31 -22.15 -13.94
N ARG A 344 -8.55 -21.42 -15.03
CA ARG A 344 -9.92 -21.01 -15.43
C ARG A 344 -10.38 -21.60 -16.77
N GLU A 345 -9.65 -21.30 -17.85
CA GLU A 345 -10.04 -21.74 -19.20
C GLU A 345 -9.94 -23.27 -19.37
N GLY A 346 -8.79 -23.82 -19.02
CA GLY A 346 -8.54 -25.26 -19.07
C GLY A 346 -9.32 -26.03 -18.01
N ILE A 347 -9.22 -25.57 -16.76
CA ILE A 347 -9.88 -26.19 -15.61
C ILE A 347 -10.81 -25.19 -14.95
C4 G92 B . -0.12 -3.53 -11.96
C5 G92 B . 0.44 -4.52 -12.73
C6 G92 B . -0.28 -5.70 -12.98
C8 G92 B . 1.28 -7.50 -13.25
C13 G92 B . -2.11 -4.87 -11.67
C15 G92 B . -2.95 -0.33 -10.42
C17 G92 B . -4.38 0.20 -12.44
C20 G92 B . -5.83 0.48 -12.77
C22 G92 B . -7.94 -0.41 -13.12
C24 G92 B . -7.78 1.89 -13.21
C26 G92 B . -7.64 4.30 -13.29
C28 G92 B . -9.20 5.86 -14.41
O1 G92 B . -2.02 -2.76 -9.41
C2 G92 B . -1.97 -2.61 -10.61
C3 G92 B . -1.40 -3.70 -11.42
O7 G92 B . 0.26 -6.67 -13.75
F9 G92 B . 1.76 -8.24 -14.32
F10 G92 B . 2.34 -6.77 -12.71
F11 G92 B . 0.73 -8.33 -12.28
C12 G92 B . -1.55 -5.87 -12.44
N14 G92 B . -2.40 -1.47 -11.21
C16 G92 B . -4.35 0.04 -10.92
C18 G92 B . -3.86 -1.09 -13.07
C19 G92 B . -2.38 -1.23 -12.66
N21 G92 B . -6.65 -0.55 -12.87
N23 G92 B . -8.51 0.77 -13.30
C25 G92 B . -8.38 3.15 -13.38
O27 G92 B . -8.20 5.55 -13.44
C29 G92 B . -6.25 4.23 -13.01
O30 G92 B . -5.57 5.42 -12.93
C31 G92 B . -4.14 5.50 -12.85
C32 G92 B . -5.63 3.00 -12.85
C33 G92 B . -6.38 1.79 -12.93
#